data_3WQW
#
_entry.id   3WQW
#
_cell.length_a   94.219
_cell.length_b   94.219
_cell.length_c   122.366
_cell.angle_alpha   90.00
_cell.angle_beta   90.00
_cell.angle_gamma   120.00
#
_symmetry.space_group_name_H-M   'P 65'
#
loop_
_entity.id
_entity.type
_entity.pdbx_description
1 polymer Chitinase
2 branched 2-amino-2-deoxy-beta-D-glucopyranose-(1-4)-2-amino-2-deoxy-beta-D-glucopyranose-(1-4)-2-amino-2-deoxy-beta-D-glucopyranose-(1-4)-2-amino-2-deoxy-beta-D-glucopyranose-(1-4)-2-amino-2-deoxy-beta-D-glucopyranose
3 non-polymer 2-acetamido-2-deoxy-beta-D-glucopyranose
4 non-polymer '4-(2-HYDROXYETHYL)-1-PIPERAZINE ETHANESULFONIC ACID'
5 water water
#
_entity_poly.entity_id   1
_entity_poly.type   'polypeptide(L)'
_entity_poly.pdbx_seq_one_letter_code
;AESDSRARVVCYFSNWAVYRPGVGRYGIEDIPVDMCTHIIYSFIGVTEDTQQVLIIDPELDVDKNGFKNFTSLRSKHPGV
KFTVAVGGWAEGGSKYSKMVAAKSTRMAFVRSVVDFLNKYNFDGLDLDWEYPGAADRGGSFSDKDKFLYLVQELRRAFIR
EGKGWELTAAVPLANFRLMEGYHVPELCQELDAIHVMSYDLRGNWAGFADVHSPLYKRPHDQWAYEKLNVNDGLQLWEDK
GCPTNKLVVGIPFYGRSFTLSSGNNNYNLGTYINKEAGGGDPAPYTNATGFWAYYEICTEVDTADSKWTKKWDEHGKCPY
AYKGTQWVGYEDPRSVEIKMNWIKEKGYLGAMTWAIDMDDFQGLCGEKNILIKLLHKHMSAYTVPPPRSHHHHHH
;
_entity_poly.pdbx_strand_id   A
#
# COMPACT_ATOMS: atom_id res chain seq x y z
N ARG A 6 -8.11 -9.90 -16.95
CA ARG A 6 -8.58 -10.53 -15.74
C ARG A 6 -7.57 -10.19 -14.65
N ALA A 7 -6.62 -9.33 -14.99
CA ALA A 7 -5.64 -8.85 -14.01
C ALA A 7 -6.30 -7.74 -13.20
N ARG A 8 -5.78 -7.47 -12.01
CA ARG A 8 -6.31 -6.38 -11.21
C ARG A 8 -5.38 -5.19 -11.27
N VAL A 9 -5.98 -4.02 -11.22
CA VAL A 9 -5.25 -2.79 -10.89
C VAL A 9 -5.94 -2.24 -9.66
N VAL A 10 -5.25 -2.31 -8.52
CA VAL A 10 -5.89 -2.00 -7.27
C VAL A 10 -5.40 -0.64 -6.77
N CYS A 11 -6.32 0.29 -6.59
CA CYS A 11 -5.98 1.67 -6.30
C CYS A 11 -6.41 2.04 -4.89
N TYR A 12 -5.47 2.23 -3.96
CA TYR A 12 -5.84 2.79 -2.67
C TYR A 12 -6.07 4.27 -2.82
N PHE A 13 -7.16 4.77 -2.22
CA PHE A 13 -7.53 6.18 -2.24
C PHE A 13 -7.51 6.70 -0.81
N SER A 14 -6.74 7.77 -0.54
CA SER A 14 -6.56 8.27 0.84
C SER A 14 -7.62 9.35 1.14
N ASN A 15 -8.48 9.18 2.16
CA ASN A 15 -9.49 10.21 2.42
C ASN A 15 -8.91 11.52 2.98
N TRP A 16 -7.64 11.52 3.41
CA TRP A 16 -7.07 12.76 3.95
C TRP A 16 -6.38 13.61 2.87
N ALA A 17 -6.27 13.10 1.62
CA ALA A 17 -5.57 13.86 0.58
C ALA A 17 -6.31 15.15 0.20
N VAL A 18 -7.59 15.21 0.55
CA VAL A 18 -8.39 16.40 0.19
C VAL A 18 -7.93 17.63 0.99
N TYR A 19 -7.24 17.39 2.10
CA TYR A 19 -6.73 18.54 2.92
C TYR A 19 -5.35 19.07 2.49
N ARG A 20 -4.70 18.43 1.51
CA ARG A 20 -3.42 18.94 1.02
C ARG A 20 -3.64 20.26 0.29
N PRO A 21 -2.71 21.22 0.46
CA PRO A 21 -2.95 22.58 -0.06
C PRO A 21 -2.71 22.69 -1.56
N GLY A 22 -3.27 23.73 -2.17
CA GLY A 22 -2.99 24.07 -3.56
C GLY A 22 -3.21 22.92 -4.53
N VAL A 23 -2.21 22.66 -5.35
CA VAL A 23 -2.39 21.62 -6.37
C VAL A 23 -2.28 20.20 -5.77
N GLY A 24 -1.95 20.09 -4.48
CA GLY A 24 -1.94 18.78 -3.84
C GLY A 24 -3.36 18.28 -3.51
N ARG A 25 -4.32 19.20 -3.45
CA ARG A 25 -5.68 18.77 -3.06
C ARG A 25 -6.17 17.65 -3.96
N TYR A 26 -6.62 16.53 -3.39
CA TYR A 26 -7.06 15.43 -4.21
C TYR A 26 -8.30 14.83 -3.50
N GLY A 27 -9.43 14.88 -4.20
CA GLY A 27 -10.69 14.37 -3.65
C GLY A 27 -11.26 13.23 -4.47
N ILE A 28 -12.47 12.81 -4.13
CA ILE A 28 -13.12 11.67 -4.82
C ILE A 28 -13.22 11.94 -6.32
N GLU A 29 -13.55 13.18 -6.65
CA GLU A 29 -13.75 13.56 -8.03
C GLU A 29 -12.45 13.48 -8.86
N ASP A 30 -11.30 13.37 -8.18
CA ASP A 30 -10.01 13.30 -8.87
C ASP A 30 -9.60 11.87 -9.21
N ILE A 31 -10.33 10.89 -8.69
CA ILE A 31 -9.91 9.52 -8.96
C ILE A 31 -10.14 9.19 -10.44
N PRO A 32 -9.10 8.68 -11.15
CA PRO A 32 -9.29 8.33 -12.56
C PRO A 32 -9.87 6.92 -12.61
N VAL A 33 -11.19 6.83 -12.41
CA VAL A 33 -11.77 5.51 -12.10
C VAL A 33 -11.46 4.45 -13.15
N ASP A 34 -11.50 4.83 -14.41
CA ASP A 34 -11.31 3.85 -15.45
C ASP A 34 -9.88 3.29 -15.58
N MET A 35 -8.94 3.82 -14.83
CA MET A 35 -7.59 3.23 -14.84
C MET A 35 -7.47 2.09 -13.82
N CYS A 36 -8.48 1.91 -12.97
CA CYS A 36 -8.40 0.90 -11.88
C CYS A 36 -9.49 -0.14 -12.04
N THR A 37 -9.27 -1.35 -11.56
CA THR A 37 -10.33 -2.36 -11.50
C THR A 37 -10.97 -2.43 -10.10
N HIS A 38 -10.20 -2.05 -9.07
CA HIS A 38 -10.64 -2.14 -7.67
C HIS A 38 -10.11 -0.90 -6.96
N ILE A 39 -10.98 -0.19 -6.27
CA ILE A 39 -10.59 1.08 -5.67
C ILE A 39 -10.96 0.97 -4.19
N ILE A 40 -10.05 1.37 -3.31
CA ILE A 40 -10.22 1.07 -1.87
C ILE A 40 -10.10 2.36 -1.06
N TYR A 41 -11.21 2.71 -0.42
CA TYR A 41 -11.30 3.95 0.38
C TYR A 41 -10.56 3.74 1.72
N SER A 42 -9.58 4.60 2.03
CA SER A 42 -8.69 4.35 3.16
C SER A 42 -8.71 5.59 4.07
N PHE A 43 -8.95 5.46 5.39
CA PHE A 43 -9.17 4.22 6.14
C PHE A 43 -10.38 4.41 7.05
N ILE A 44 -11.04 3.30 7.42
CA ILE A 44 -11.84 3.24 8.66
C ILE A 44 -11.01 2.50 9.71
N GLY A 45 -11.45 2.53 10.96
CA GLY A 45 -10.69 1.85 12.02
C GLY A 45 -11.61 1.02 12.89
N VAL A 46 -11.16 0.70 14.10
CA VAL A 46 -11.97 -0.06 14.99
C VAL A 46 -11.98 0.71 16.32
N THR A 47 -13.10 0.69 17.05
CA THR A 47 -13.12 1.38 18.34
C THR A 47 -12.33 0.59 19.38
N GLU A 48 -11.78 1.28 20.38
CA GLU A 48 -10.95 0.63 21.38
C GLU A 48 -11.80 -0.24 22.31
N ASP A 49 -13.03 0.21 22.55
CA ASP A 49 -13.82 -0.31 23.67
C ASP A 49 -14.93 -1.26 23.25
N THR A 50 -15.47 -1.07 22.05
CA THR A 50 -16.66 -1.80 21.69
C THR A 50 -16.47 -2.65 20.43
N GLN A 51 -15.26 -2.63 19.88
CA GLN A 51 -14.96 -3.43 18.67
C GLN A 51 -15.89 -3.16 17.49
N GLN A 52 -16.33 -1.91 17.36
CA GLN A 52 -17.12 -1.51 16.23
C GLN A 52 -16.31 -0.75 15.21
N VAL A 53 -16.86 -0.62 14.00
CA VAL A 53 -16.22 0.20 12.97
C VAL A 53 -16.07 1.64 13.51
N LEU A 54 -14.87 2.19 13.39
CA LEU A 54 -14.64 3.59 13.77
C LEU A 54 -14.56 4.41 12.48
N ILE A 55 -15.41 5.42 12.36
CA ILE A 55 -15.32 6.33 11.23
C ILE A 55 -14.33 7.44 11.65
N ILE A 56 -13.23 7.58 10.91
CA ILE A 56 -12.12 8.34 11.38
C ILE A 56 -12.29 9.84 11.09
N ASP A 57 -12.94 10.20 10.00
CA ASP A 57 -13.17 11.62 9.68
C ASP A 57 -14.67 11.77 9.36
N PRO A 58 -15.52 11.75 10.40
CA PRO A 58 -16.95 11.67 10.08
C PRO A 58 -17.46 12.90 9.34
N GLU A 59 -16.89 14.07 9.61
CA GLU A 59 -17.36 15.26 8.87
C GLU A 59 -17.17 15.10 7.34
N LEU A 60 -16.03 14.55 6.96
CA LEU A 60 -15.76 14.29 5.54
C LEU A 60 -16.50 13.02 5.09
N ASP A 61 -16.24 11.90 5.78
CA ASP A 61 -16.69 10.56 5.31
C ASP A 61 -18.20 10.42 5.31
N VAL A 62 -18.85 11.04 6.30
CA VAL A 62 -20.29 10.92 6.45
C VAL A 62 -21.05 12.24 6.15
N ASP A 63 -20.74 13.33 6.87
CA ASP A 63 -21.54 14.57 6.73
C ASP A 63 -21.39 15.19 5.33
N LYS A 64 -20.19 15.13 4.76
CA LYS A 64 -20.03 15.57 3.36
C LYS A 64 -20.17 14.40 2.36
N ASN A 65 -20.70 13.28 2.82
CA ASN A 65 -20.92 12.11 1.94
C ASN A 65 -19.72 11.50 1.22
N GLY A 66 -18.55 11.55 1.87
CA GLY A 66 -17.36 10.98 1.23
C GLY A 66 -17.55 9.49 0.85
N PHE A 67 -18.03 8.66 1.78
CA PHE A 67 -18.16 7.21 1.52
C PHE A 67 -19.08 7.00 0.33
N LYS A 68 -20.23 7.68 0.38
CA LYS A 68 -21.25 7.47 -0.64
C LYS A 68 -20.89 8.08 -2.00
N ASN A 69 -20.24 9.25 -2.00
CA ASN A 69 -19.77 9.79 -3.27
C ASN A 69 -18.84 8.75 -3.92
N PHE A 70 -17.99 8.17 -3.12
CA PHE A 70 -17.05 7.18 -3.62
C PHE A 70 -17.77 5.95 -4.18
N THR A 71 -18.62 5.31 -3.37
CA THR A 71 -19.25 4.10 -3.88
C THR A 71 -20.24 4.38 -5.04
N SER A 72 -20.85 5.57 -5.06
CA SER A 72 -21.75 5.83 -6.19
C SER A 72 -20.99 6.14 -7.51
N LEU A 73 -19.65 6.19 -7.49
CA LEU A 73 -18.91 6.17 -8.76
C LEU A 73 -19.27 4.93 -9.62
N ARG A 74 -19.77 3.89 -8.96
CA ARG A 74 -20.15 2.68 -9.71
C ARG A 74 -21.27 2.93 -10.73
N SER A 75 -22.06 4.00 -10.55
CA SER A 75 -23.11 4.35 -11.51
C SER A 75 -22.55 4.55 -12.89
N LYS A 76 -21.49 5.33 -13.00
CA LYS A 76 -20.83 5.59 -14.29
C LYS A 76 -19.77 4.55 -14.63
N HIS A 77 -19.29 3.81 -13.63
CA HIS A 77 -18.27 2.80 -13.89
C HIS A 77 -18.67 1.47 -13.27
N PRO A 78 -19.67 0.79 -13.85
CA PRO A 78 -20.24 -0.36 -13.13
C PRO A 78 -19.33 -1.58 -13.06
N GLY A 79 -18.27 -1.64 -13.85
CA GLY A 79 -17.45 -2.84 -13.76
C GLY A 79 -16.36 -2.77 -12.68
N VAL A 80 -16.25 -1.62 -12.01
CA VAL A 80 -15.21 -1.40 -11.01
C VAL A 80 -15.74 -1.75 -9.58
N LYS A 81 -14.91 -2.34 -8.73
CA LYS A 81 -15.30 -2.66 -7.34
C LYS A 81 -14.79 -1.60 -6.39
N PHE A 82 -15.68 -1.13 -5.51
CA PHE A 82 -15.36 -0.05 -4.57
C PHE A 82 -15.45 -0.60 -3.15
N THR A 83 -14.31 -0.80 -2.49
CA THR A 83 -14.32 -1.36 -1.15
C THR A 83 -13.73 -0.34 -0.18
N VAL A 84 -13.69 -0.70 1.11
CA VAL A 84 -13.14 0.19 2.14
C VAL A 84 -12.03 -0.58 2.86
N ALA A 85 -10.95 0.11 3.28
CA ALA A 85 -9.90 -0.56 4.03
C ALA A 85 -10.01 -0.19 5.54
N VAL A 86 -9.88 -1.21 6.39
CA VAL A 86 -9.89 -0.95 7.83
C VAL A 86 -8.45 -1.12 8.36
N GLY A 87 -7.99 -0.18 9.19
CA GLY A 87 -6.66 -0.31 9.76
C GLY A 87 -5.76 0.79 9.22
N GLY A 88 -4.62 0.43 8.64
CA GLY A 88 -3.66 1.43 8.18
C GLY A 88 -2.63 1.67 9.27
N TRP A 89 -1.51 2.29 8.92
CA TRP A 89 -0.42 2.45 9.93
C TRP A 89 -0.84 3.33 11.12
N ALA A 90 -1.50 4.45 10.83
CA ALA A 90 -1.87 5.39 11.89
C ALA A 90 -2.84 4.82 12.91
N GLU A 91 -3.64 3.83 12.53
CA GLU A 91 -4.55 3.17 13.47
C GLU A 91 -3.86 2.39 14.59
N GLY A 92 -2.61 1.94 14.37
CA GLY A 92 -1.89 1.13 15.36
C GLY A 92 -2.36 -0.31 15.28
N GLY A 93 -1.70 -1.22 15.98
CA GLY A 93 -2.15 -2.61 15.90
C GLY A 93 -2.83 -3.09 17.17
N SER A 94 -2.67 -2.37 18.28
CA SER A 94 -3.16 -2.92 19.54
C SER A 94 -4.69 -3.08 19.58
N LYS A 95 -5.44 -2.19 18.97
CA LYS A 95 -6.91 -2.32 19.03
C LYS A 95 -7.37 -3.56 18.27
N TYR A 96 -6.58 -3.95 17.27
CA TYR A 96 -6.91 -5.12 16.41
C TYR A 96 -6.57 -6.40 17.16
N SER A 97 -5.39 -6.41 17.79
CA SER A 97 -5.00 -7.57 18.60
C SER A 97 -6.04 -7.78 19.69
N LYS A 98 -6.45 -6.67 20.31
CA LYS A 98 -7.52 -6.77 21.32
C LYS A 98 -8.87 -7.24 20.72
N MET A 99 -9.24 -6.74 19.54
CA MET A 99 -10.51 -7.12 18.93
C MET A 99 -10.56 -8.63 18.59
N VAL A 100 -9.43 -9.18 18.13
CA VAL A 100 -9.47 -10.61 17.75
C VAL A 100 -9.27 -11.57 18.90
N ALA A 101 -9.07 -11.07 20.12
CA ALA A 101 -8.64 -11.95 21.22
C ALA A 101 -9.70 -12.99 21.60
N ALA A 102 -10.96 -12.69 21.34
CA ALA A 102 -12.05 -13.59 21.71
C ALA A 102 -13.08 -13.68 20.58
N LYS A 103 -13.79 -14.81 20.54
CA LYS A 103 -14.86 -15.03 19.59
C LYS A 103 -15.92 -13.93 19.72
N SER A 104 -16.29 -13.59 20.94
CA SER A 104 -17.36 -12.59 21.14
C SER A 104 -16.99 -11.19 20.58
N THR A 105 -15.74 -10.77 20.75
CA THR A 105 -15.35 -9.46 20.25
C THR A 105 -15.17 -9.47 18.71
N ARG A 106 -14.69 -10.59 18.16
CA ARG A 106 -14.66 -10.74 16.70
C ARG A 106 -16.07 -10.68 16.13
N MET A 107 -17.03 -11.33 16.76
CA MET A 107 -18.35 -11.32 16.16
C MET A 107 -18.99 -9.95 16.27
N ALA A 108 -18.69 -9.21 17.32
CA ALA A 108 -19.15 -7.83 17.37
C ALA A 108 -18.57 -7.02 16.19
N PHE A 109 -17.29 -7.17 15.92
CA PHE A 109 -16.71 -6.43 14.82
C PHE A 109 -17.31 -6.89 13.48
N VAL A 110 -17.48 -8.19 13.33
CA VAL A 110 -18.02 -8.70 12.06
C VAL A 110 -19.43 -8.13 11.84
N ARG A 111 -20.29 -8.12 12.86
CA ARG A 111 -21.62 -7.56 12.66
C ARG A 111 -21.53 -6.08 12.32
N SER A 112 -20.59 -5.38 12.96
CA SER A 112 -20.49 -3.93 12.73
C SER A 112 -20.04 -3.66 11.28
N VAL A 113 -19.07 -4.45 10.83
CA VAL A 113 -18.57 -4.36 9.45
C VAL A 113 -19.70 -4.58 8.45
N VAL A 114 -20.49 -5.65 8.66
CA VAL A 114 -21.59 -5.96 7.73
C VAL A 114 -22.60 -4.79 7.65
N ASP A 115 -22.99 -4.25 8.81
CA ASP A 115 -23.91 -3.09 8.80
C ASP A 115 -23.29 -1.92 8.04
N PHE A 116 -22.00 -1.69 8.27
CA PHE A 116 -21.33 -0.53 7.66
C PHE A 116 -21.24 -0.69 6.14
N LEU A 117 -20.85 -1.88 5.68
CA LEU A 117 -20.79 -2.12 4.23
C LEU A 117 -22.17 -1.96 3.54
N ASN A 118 -23.23 -2.46 4.18
CA ASN A 118 -24.58 -2.22 3.68
C ASN A 118 -24.94 -0.73 3.68
N LYS A 119 -24.61 -0.05 4.77
CA LYS A 119 -25.06 1.33 4.91
C LYS A 119 -24.47 2.21 3.83
N TYR A 120 -23.21 1.96 3.49
CA TYR A 120 -22.53 2.87 2.56
C TYR A 120 -22.32 2.27 1.18
N ASN A 121 -22.94 1.12 0.94
CA ASN A 121 -22.95 0.43 -0.37
C ASN A 121 -21.57 0.10 -0.87
N PHE A 122 -20.71 -0.39 0.02
CA PHE A 122 -19.40 -0.88 -0.39
C PHE A 122 -19.49 -2.32 -0.97
N ASP A 123 -18.50 -2.73 -1.76
CA ASP A 123 -18.44 -4.06 -2.41
C ASP A 123 -17.64 -5.05 -1.56
N GLY A 124 -17.19 -4.62 -0.39
CA GLY A 124 -16.43 -5.53 0.47
C GLY A 124 -15.38 -4.75 1.28
N LEU A 125 -14.43 -5.48 1.86
CA LEU A 125 -13.55 -4.94 2.88
C LEU A 125 -12.12 -5.38 2.60
N ASP A 126 -11.17 -4.45 2.77
CA ASP A 126 -9.76 -4.78 2.74
C ASP A 126 -9.24 -4.66 4.20
N LEU A 127 -8.61 -5.73 4.71
CA LEU A 127 -8.08 -5.78 6.06
C LEU A 127 -6.66 -5.26 6.01
N ASP A 128 -6.39 -4.18 6.73
CA ASP A 128 -5.05 -3.62 6.75
CA ASP A 128 -5.07 -3.55 6.78
C ASP A 128 -4.55 -3.41 8.19
N TRP A 129 -4.61 -4.48 8.97
CA TRP A 129 -4.08 -4.46 10.35
C TRP A 129 -2.58 -4.60 10.21
N GLU A 130 -1.82 -3.64 10.71
CA GLU A 130 -0.37 -3.72 10.61
C GLU A 130 0.25 -3.70 11.99
N TYR A 131 0.56 -4.87 12.55
CA TYR A 131 0.37 -6.20 11.90
C TYR A 131 0.07 -7.20 13.02
N PRO A 132 -0.68 -8.26 12.71
CA PRO A 132 -0.91 -9.32 13.71
C PRO A 132 0.44 -9.92 14.12
N GLY A 133 0.64 -10.15 15.41
CA GLY A 133 1.86 -10.79 15.89
C GLY A 133 3.05 -9.87 16.13
N ALA A 134 2.93 -8.60 15.73
CA ALA A 134 4.04 -7.65 15.82
C ALA A 134 4.14 -6.99 17.21
N ALA A 135 5.18 -7.35 17.94
CA ALA A 135 5.31 -6.90 19.35
C ALA A 135 5.48 -5.40 19.39
N ASP A 136 6.06 -4.85 18.31
CA ASP A 136 6.27 -3.42 18.16
C ASP A 136 4.96 -2.67 17.84
N ARG A 137 3.89 -3.40 17.61
CA ARG A 137 2.63 -2.79 17.22
C ARG A 137 1.48 -3.32 18.10
N GLY A 138 1.77 -3.64 19.36
CA GLY A 138 0.75 -4.04 20.32
C GLY A 138 0.24 -5.47 20.04
N GLY A 139 0.97 -6.27 19.28
CA GLY A 139 0.48 -7.59 18.92
C GLY A 139 1.04 -8.65 19.85
N SER A 140 0.64 -9.90 19.68
CA SER A 140 1.26 -10.97 20.43
C SER A 140 1.05 -12.30 19.70
N PHE A 141 1.59 -13.36 20.31
CA PHE A 141 1.83 -14.60 19.57
C PHE A 141 0.53 -15.17 19.05
N SER A 142 -0.53 -15.08 19.85
CA SER A 142 -1.81 -15.68 19.48
C SER A 142 -2.57 -14.95 18.33
N ASP A 143 -2.08 -13.78 17.93
CA ASP A 143 -2.71 -13.06 16.82
C ASP A 143 -2.70 -13.90 15.54
N LYS A 144 -1.69 -14.77 15.37
CA LYS A 144 -1.60 -15.48 14.07
C LYS A 144 -2.84 -16.39 13.86
N ASP A 145 -3.13 -17.25 14.84
CA ASP A 145 -4.36 -18.03 14.79
C ASP A 145 -5.60 -17.13 14.71
N LYS A 146 -5.66 -16.14 15.59
CA LYS A 146 -6.91 -15.37 15.77
C LYS A 146 -7.21 -14.43 14.60
N PHE A 147 -6.17 -13.94 13.91
CA PHE A 147 -6.37 -13.20 12.66
C PHE A 147 -7.01 -14.10 11.60
N LEU A 148 -6.53 -15.34 11.50
CA LEU A 148 -7.10 -16.29 10.57
C LEU A 148 -8.59 -16.53 10.94
N TYR A 149 -8.90 -16.70 12.22
CA TYR A 149 -10.31 -16.89 12.63
C TYR A 149 -11.16 -15.70 12.19
N LEU A 150 -10.64 -14.50 12.38
CA LEU A 150 -11.37 -13.30 11.97
C LEU A 150 -11.68 -13.34 10.47
N VAL A 151 -10.67 -13.69 9.67
CA VAL A 151 -10.84 -13.76 8.22
C VAL A 151 -11.90 -14.83 7.83
N GLN A 152 -11.80 -16.01 8.45
CA GLN A 152 -12.76 -17.07 8.19
C GLN A 152 -14.16 -16.62 8.55
N GLU A 153 -14.27 -15.94 9.70
CA GLU A 153 -15.57 -15.49 10.21
C GLU A 153 -16.15 -14.36 9.33
N LEU A 154 -15.28 -13.45 8.87
CA LEU A 154 -15.74 -12.44 7.94
C LEU A 154 -16.27 -13.07 6.63
N ARG A 155 -15.48 -13.98 6.06
CA ARG A 155 -15.89 -14.62 4.82
C ARG A 155 -17.26 -15.30 5.00
N ARG A 156 -17.43 -16.04 6.09
CA ARG A 156 -18.73 -16.69 6.31
C ARG A 156 -19.88 -15.68 6.44
N ALA A 157 -19.65 -14.57 7.14
CA ALA A 157 -20.66 -13.50 7.21
C ALA A 157 -20.95 -12.91 5.85
N PHE A 158 -19.90 -12.72 5.06
CA PHE A 158 -20.11 -12.15 3.72
C PHE A 158 -20.91 -13.10 2.87
N ILE A 159 -20.60 -14.38 2.99
CA ILE A 159 -21.40 -15.40 2.28
C ILE A 159 -22.87 -15.33 2.70
N ARG A 160 -23.13 -15.23 4.01
CA ARG A 160 -24.53 -15.19 4.50
C ARG A 160 -25.24 -13.96 4.01
N GLU A 161 -24.49 -12.89 3.76
CA GLU A 161 -25.15 -11.68 3.33
C GLU A 161 -25.65 -11.84 1.89
N GLY A 162 -24.96 -12.67 1.12
CA GLY A 162 -25.44 -13.03 -0.21
C GLY A 162 -25.23 -11.98 -1.30
N LYS A 163 -24.35 -11.01 -1.08
CA LYS A 163 -24.11 -9.99 -2.09
C LYS A 163 -22.80 -10.17 -2.85
N GLY A 164 -22.10 -11.29 -2.62
CA GLY A 164 -20.83 -11.53 -3.30
C GLY A 164 -19.74 -10.55 -2.92
N TRP A 165 -19.73 -10.02 -1.69
CA TRP A 165 -18.71 -9.05 -1.30
C TRP A 165 -17.30 -9.65 -1.36
N GLU A 166 -16.33 -8.84 -1.68
CA GLU A 166 -14.95 -9.30 -1.62
C GLU A 166 -14.35 -9.07 -0.24
N LEU A 167 -13.32 -9.85 0.07
CA LEU A 167 -12.55 -9.68 1.30
C LEU A 167 -11.10 -9.83 0.88
N THR A 168 -10.27 -8.81 1.13
CA THR A 168 -8.89 -8.83 0.71
C THR A 168 -8.06 -8.43 1.93
N ALA A 169 -6.73 -8.53 1.82
CA ALA A 169 -5.84 -8.02 2.89
C ALA A 169 -4.58 -7.40 2.29
N ALA A 170 -4.11 -6.34 2.93
CA ALA A 170 -2.80 -5.76 2.63
C ALA A 170 -1.81 -6.44 3.59
N VAL A 171 -0.64 -6.85 3.09
CA VAL A 171 0.27 -7.71 3.85
C VAL A 171 1.72 -7.27 3.61
N PRO A 172 2.61 -7.52 4.59
CA PRO A 172 4.04 -7.23 4.42
C PRO A 172 4.75 -8.37 3.72
N LEU A 173 6.03 -8.20 3.41
CA LEU A 173 6.71 -9.33 2.76
C LEU A 173 7.95 -9.83 3.45
N ALA A 174 8.28 -9.28 4.63
CA ALA A 174 9.40 -9.76 5.43
C ALA A 174 9.07 -11.10 6.07
N ASN A 175 9.99 -12.05 5.97
CA ASN A 175 9.76 -13.39 6.50
C ASN A 175 9.33 -13.38 7.96
N PHE A 176 9.99 -12.57 8.81
CA PHE A 176 9.65 -12.64 10.22
C PHE A 176 8.21 -12.18 10.48
N ARG A 177 7.73 -11.20 9.69
CA ARG A 177 6.35 -10.73 9.81
C ARG A 177 5.37 -11.83 9.40
N LEU A 178 5.75 -12.56 8.34
CA LEU A 178 4.88 -13.65 7.88
C LEU A 178 4.81 -14.70 8.96
N MET A 179 5.97 -15.05 9.51
CA MET A 179 5.98 -16.08 10.54
C MET A 179 5.16 -15.66 11.75
N GLU A 180 5.24 -14.39 12.09
CA GLU A 180 4.58 -13.91 13.35
C GLU A 180 3.06 -13.70 13.15
N GLY A 181 2.64 -13.36 11.94
CA GLY A 181 1.24 -12.92 11.75
C GLY A 181 0.33 -13.64 10.76
N TYR A 182 0.89 -14.43 9.82
CA TYR A 182 0.12 -14.82 8.62
C TYR A 182 0.17 -16.32 8.33
N HIS A 183 -0.95 -17.01 8.59
CA HIS A 183 -1.07 -18.37 8.11
C HIS A 183 -1.33 -18.32 6.58
N VAL A 184 -0.27 -18.40 5.81
CA VAL A 184 -0.34 -18.07 4.40
C VAL A 184 -1.35 -18.95 3.58
N PRO A 185 -1.23 -20.30 3.57
CA PRO A 185 -2.16 -21.07 2.71
C PRO A 185 -3.63 -20.79 3.06
N GLU A 186 -3.90 -20.70 4.35
CA GLU A 186 -5.31 -20.60 4.76
C GLU A 186 -5.83 -19.19 4.44
N LEU A 187 -5.02 -18.15 4.71
CA LEU A 187 -5.42 -16.78 4.33
C LEU A 187 -5.65 -16.63 2.82
N CYS A 188 -4.74 -17.18 2.01
CA CYS A 188 -4.82 -17.07 0.56
C CYS A 188 -6.06 -17.78 0.01
N GLN A 189 -6.48 -18.86 0.66
CA GLN A 189 -7.72 -19.54 0.27
C GLN A 189 -8.94 -18.68 0.58
N GLU A 190 -8.95 -17.96 1.71
CA GLU A 190 -10.15 -17.25 2.11
C GLU A 190 -10.31 -15.89 1.43
N LEU A 191 -9.19 -15.32 0.97
CA LEU A 191 -9.22 -13.95 0.50
C LEU A 191 -9.31 -13.92 -1.04
N ASP A 192 -9.95 -12.87 -1.57
CA ASP A 192 -9.99 -12.68 -3.02
C ASP A 192 -8.69 -12.17 -3.61
N ALA A 193 -7.88 -11.49 -2.81
CA ALA A 193 -6.62 -10.92 -3.30
C ALA A 193 -5.78 -10.61 -2.10
N ILE A 194 -4.47 -10.74 -2.29
CA ILE A 194 -3.49 -10.41 -1.28
C ILE A 194 -2.74 -9.18 -1.84
N HIS A 195 -2.90 -8.03 -1.21
CA HIS A 195 -2.28 -6.81 -1.69
C HIS A 195 -0.94 -6.71 -1.01
N VAL A 196 0.11 -7.08 -1.71
CA VAL A 196 1.42 -7.09 -1.08
C VAL A 196 2.04 -5.68 -1.02
N MET A 197 2.36 -5.24 0.19
CA MET A 197 2.98 -3.93 0.40
C MET A 197 4.47 -4.00 0.12
N SER A 198 4.82 -4.12 -1.16
CA SER A 198 6.22 -4.29 -1.56
C SER A 198 6.84 -2.89 -1.70
N TYR A 199 6.90 -2.19 -0.58
CA TYR A 199 7.47 -0.84 -0.52
C TYR A 199 7.69 -0.52 0.97
N ASP A 200 8.22 0.65 1.29
CA ASP A 200 8.73 0.90 2.66
C ASP A 200 9.65 -0.27 3.08
N LEU A 201 10.37 -0.84 2.13
CA LEU A 201 11.33 -1.89 2.50
C LEU A 201 12.65 -1.37 3.07
N ARG A 202 12.91 -0.07 2.83
CA ARG A 202 14.08 0.65 3.38
C ARG A 202 13.56 2.03 3.76
N GLY A 203 14.26 2.76 4.63
CA GLY A 203 13.74 4.06 5.03
C GLY A 203 14.55 4.56 6.20
N ASN A 204 14.27 5.76 6.68
CA ASN A 204 15.11 6.37 7.73
C ASN A 204 15.29 5.44 8.94
N TRP A 205 14.25 4.68 9.26
CA TRP A 205 14.25 3.79 10.42
C TRP A 205 15.37 2.76 10.38
N ALA A 206 15.83 2.44 9.17
CA ALA A 206 16.86 1.42 9.01
C ALA A 206 18.28 1.95 9.20
N GLY A 207 18.45 3.27 9.21
CA GLY A 207 19.76 3.86 9.50
C GLY A 207 20.71 4.01 8.32
N PHE A 208 20.24 3.82 7.09
CA PHE A 208 21.07 4.10 5.92
C PHE A 208 20.19 4.51 4.72
N ALA A 209 20.75 5.22 3.73
CA ALA A 209 19.98 5.62 2.53
C ALA A 209 19.88 4.48 1.56
N ASP A 210 18.69 4.28 1.00
CA ASP A 210 18.48 3.20 0.04
C ASP A 210 17.11 3.42 -0.61
N VAL A 211 16.89 2.85 -1.78
CA VAL A 211 15.57 2.90 -2.41
C VAL A 211 14.64 1.95 -1.62
N HIS A 212 13.33 2.17 -1.67
CA HIS A 212 12.44 1.48 -0.70
C HIS A 212 11.59 0.39 -1.36
N SER A 213 11.78 0.21 -2.67
CA SER A 213 11.05 -0.85 -3.39
C SER A 213 11.99 -1.53 -4.41
N PRO A 214 13.21 -1.94 -3.97
CA PRO A 214 14.11 -2.58 -4.93
C PRO A 214 13.50 -3.90 -5.40
N LEU A 215 13.62 -4.16 -6.69
CA LEU A 215 13.02 -5.36 -7.30
C LEU A 215 13.87 -6.58 -6.98
N TYR A 216 15.18 -6.43 -7.01
CA TYR A 216 16.09 -7.56 -6.79
C TYR A 216 17.13 -7.22 -5.75
N LYS A 217 17.81 -8.25 -5.23
CA LYS A 217 18.87 -8.07 -4.22
C LYS A 217 20.06 -7.25 -4.75
N ARG A 218 20.59 -6.40 -3.87
CA ARG A 218 21.81 -5.66 -4.19
C ARG A 218 22.96 -6.29 -3.37
N PRO A 219 24.20 -6.08 -3.82
CA PRO A 219 25.33 -6.61 -3.04
C PRO A 219 25.32 -6.17 -1.56
N HIS A 220 24.91 -4.94 -1.24
CA HIS A 220 24.95 -4.54 0.19
C HIS A 220 23.80 -5.14 1.04
N ASP A 221 22.88 -5.88 0.41
CA ASP A 221 21.76 -6.44 1.16
C ASP A 221 22.23 -7.66 1.96
N GLN A 222 22.18 -7.60 3.29
CA GLN A 222 22.60 -8.74 4.13
C GLN A 222 21.81 -8.94 5.43
N TRP A 223 21.79 -10.19 5.86
CA TRP A 223 21.07 -10.57 7.03
C TRP A 223 19.62 -10.18 6.67
N ALA A 224 18.88 -9.69 7.62
CA ALA A 224 17.45 -9.52 7.47
C ALA A 224 17.12 -8.87 6.12
N TYR A 225 18.03 -8.08 5.55
CA TYR A 225 17.75 -7.40 4.27
C TYR A 225 17.97 -8.27 3.04
N GLU A 226 18.58 -9.46 3.22
CA GLU A 226 19.04 -10.21 2.08
C GLU A 226 17.93 -10.52 1.08
N LYS A 227 16.76 -10.91 1.58
CA LYS A 227 15.60 -11.27 0.73
C LYS A 227 14.52 -10.19 0.79
N LEU A 228 14.83 -9.06 1.40
CA LEU A 228 13.83 -8.00 1.55
C LEU A 228 13.80 -7.09 0.31
N ASN A 229 13.28 -7.66 -0.78
CA ASN A 229 13.14 -6.99 -2.07
C ASN A 229 11.88 -7.55 -2.69
N VAL A 230 11.39 -6.92 -3.74
CA VAL A 230 10.07 -7.29 -4.25
C VAL A 230 10.09 -8.73 -4.84
N ASN A 231 11.09 -9.05 -5.65
CA ASN A 231 11.13 -10.36 -6.27
C ASN A 231 11.15 -11.47 -5.21
N ASP A 232 12.08 -11.39 -4.26
CA ASP A 232 12.26 -12.48 -3.28
C ASP A 232 11.11 -12.53 -2.28
N GLY A 233 10.56 -11.36 -1.96
CA GLY A 233 9.39 -11.25 -1.09
C GLY A 233 8.14 -11.88 -1.72
N LEU A 234 7.91 -11.63 -3.00
CA LEU A 234 6.77 -12.31 -3.65
C LEU A 234 7.05 -13.82 -3.76
N GLN A 235 8.31 -14.17 -4.00
CA GLN A 235 8.67 -15.60 -4.09
C GLN A 235 8.39 -16.25 -2.73
N LEU A 236 8.62 -15.51 -1.66
CA LEU A 236 8.38 -16.03 -0.30
C LEU A 236 6.89 -16.33 -0.08
N TRP A 237 6.02 -15.40 -0.47
CA TRP A 237 4.56 -15.67 -0.46
C TRP A 237 4.19 -16.94 -1.23
N GLU A 238 4.80 -17.12 -2.41
CA GLU A 238 4.57 -18.36 -3.16
C GLU A 238 5.08 -19.58 -2.38
N ASP A 239 6.30 -19.50 -1.84
CA ASP A 239 6.92 -20.65 -1.18
C ASP A 239 6.09 -21.05 0.04
N LYS A 240 5.46 -20.07 0.66
CA LYS A 240 4.68 -20.33 1.86
C LYS A 240 3.26 -20.83 1.56
N GLY A 241 2.93 -20.86 0.27
CA GLY A 241 1.71 -21.53 -0.19
C GLY A 241 0.64 -20.64 -0.81
N CYS A 242 0.94 -19.38 -1.10
CA CYS A 242 -0.10 -18.53 -1.72
C CYS A 242 -0.03 -18.76 -3.22
N PRO A 243 -1.18 -19.04 -3.86
CA PRO A 243 -1.19 -19.21 -5.34
C PRO A 243 -0.79 -17.93 -6.09
N THR A 244 -0.12 -18.06 -7.24
CA THR A 244 0.31 -16.87 -7.97
C THR A 244 -0.85 -15.95 -8.34
N ASN A 245 -2.01 -16.54 -8.64
CA ASN A 245 -3.16 -15.75 -9.08
C ASN A 245 -4.01 -15.18 -7.92
N LYS A 246 -3.46 -15.17 -6.70
CA LYS A 246 -4.01 -14.36 -5.60
C LYS A 246 -3.12 -13.15 -5.20
N LEU A 247 -1.89 -13.09 -5.71
CA LEU A 247 -0.91 -12.09 -5.26
C LEU A 247 -0.92 -10.84 -6.14
N VAL A 248 -1.10 -9.69 -5.51
CA VAL A 248 -1.13 -8.42 -6.25
C VAL A 248 0.05 -7.61 -5.78
N VAL A 249 0.83 -7.07 -6.70
CA VAL A 249 2.13 -6.49 -6.28
C VAL A 249 2.01 -4.98 -6.07
N GLY A 250 2.25 -4.49 -4.84
CA GLY A 250 2.22 -3.05 -4.60
C GLY A 250 3.35 -2.24 -5.27
N ILE A 251 3.01 -1.03 -5.73
CA ILE A 251 3.95 -0.11 -6.37
C ILE A 251 3.77 1.20 -5.62
N PRO A 252 4.84 1.78 -5.03
CA PRO A 252 4.64 3.05 -4.31
C PRO A 252 4.68 4.23 -5.28
N PHE A 253 3.68 5.09 -5.21
CA PHE A 253 3.68 6.39 -5.93
C PHE A 253 4.29 7.49 -5.03
N TYR A 254 5.38 7.12 -4.36
CA TYR A 254 6.02 8.03 -3.42
C TYR A 254 7.43 7.56 -3.13
N GLY A 255 8.25 8.47 -2.58
CA GLY A 255 9.62 8.18 -2.24
C GLY A 255 9.87 8.21 -0.75
N ARG A 256 10.84 7.43 -0.28
CA ARG A 256 11.37 7.58 1.09
C ARG A 256 12.63 8.40 1.00
N SER A 257 12.68 9.45 1.82
CA SER A 257 13.82 10.36 1.73
C SER A 257 14.62 10.38 3.03
N PHE A 258 15.82 10.95 2.95
CA PHE A 258 16.78 10.92 4.04
C PHE A 258 17.51 12.25 4.06
N THR A 259 17.97 12.66 5.25
CA THR A 259 19.00 13.70 5.38
C THR A 259 20.30 12.99 5.66
N LEU A 260 21.29 13.20 4.79
CA LEU A 260 22.58 12.53 4.91
C LEU A 260 23.35 13.11 6.08
N SER A 261 24.29 12.34 6.61
CA SER A 261 25.11 12.79 7.72
C SER A 261 25.99 13.95 7.30
N SER A 262 26.29 14.82 8.26
CA SER A 262 27.07 16.01 8.02
C SER A 262 28.40 15.70 7.35
N GLY A 263 28.71 16.43 6.28
CA GLY A 263 29.96 16.24 5.58
C GLY A 263 30.05 14.99 4.74
N ASN A 264 28.97 14.22 4.68
CA ASN A 264 28.93 12.99 3.91
C ASN A 264 28.77 13.30 2.42
N ASN A 265 29.81 12.98 1.65
CA ASN A 265 29.84 13.26 0.21
C ASN A 265 29.66 12.00 -0.60
N ASN A 266 29.36 10.90 0.08
CA ASN A 266 29.12 9.62 -0.57
C ASN A 266 27.59 9.45 -0.70
N TYR A 267 27.10 9.50 -1.92
CA TYR A 267 25.67 9.39 -2.22
C TYR A 267 25.22 8.00 -2.66
N ASN A 268 26.10 7.00 -2.47
CA ASN A 268 25.81 5.68 -2.96
C ASN A 268 24.77 5.01 -2.10
N LEU A 269 24.10 4.01 -2.66
CA LEU A 269 23.19 3.19 -1.90
C LEU A 269 23.90 2.67 -0.65
N GLY A 270 23.23 2.75 0.49
CA GLY A 270 23.79 2.24 1.74
C GLY A 270 24.55 3.27 2.56
N THR A 271 24.65 4.47 2.05
CA THR A 271 25.43 5.51 2.74
C THR A 271 24.76 5.93 4.06
N TYR A 272 25.58 6.38 5.01
CA TYR A 272 25.10 6.72 6.35
C TYR A 272 24.29 7.99 6.32
N ILE A 273 23.35 8.11 7.26
CA ILE A 273 22.41 9.21 7.27
C ILE A 273 22.43 9.86 8.62
N ASN A 274 21.88 11.08 8.68
CA ASN A 274 21.59 11.70 9.96
C ASN A 274 20.23 11.14 10.41
N LYS A 275 20.27 10.06 11.18
CA LYS A 275 19.03 9.38 11.52
C LYS A 275 18.10 10.23 12.38
N GLU A 276 18.67 11.09 13.23
CA GLU A 276 17.85 11.91 14.12
C GLU A 276 17.08 13.00 13.37
N ALA A 277 17.50 13.31 12.15
CA ALA A 277 16.71 14.19 11.30
C ALA A 277 15.32 13.60 11.05
N GLY A 278 15.22 12.27 11.06
CA GLY A 278 13.94 11.62 10.86
C GLY A 278 13.63 11.37 9.39
N GLY A 279 14.53 11.77 8.47
CA GLY A 279 14.26 11.59 7.05
C GLY A 279 14.58 12.88 6.32
N GLY A 280 14.33 12.92 5.02
CA GLY A 280 14.49 14.15 4.25
C GLY A 280 13.48 15.21 4.73
N ASP A 281 13.77 16.48 4.42
CA ASP A 281 12.91 17.60 4.83
C ASP A 281 11.53 17.43 4.21
N PRO A 282 10.48 17.85 4.91
CA PRO A 282 9.11 17.70 4.40
C PRO A 282 8.89 18.46 3.10
N ALA A 283 8.11 17.89 2.19
CA ALA A 283 7.76 18.54 0.94
C ALA A 283 6.46 19.36 1.14
N PRO A 284 6.14 20.30 0.22
CA PRO A 284 5.09 21.29 0.48
C PRO A 284 3.67 20.77 0.52
N TYR A 285 3.38 19.62 -0.09
CA TYR A 285 1.99 19.16 -0.13
C TYR A 285 1.69 18.04 0.88
N THR A 286 2.63 17.10 1.04
CA THR A 286 2.42 16.01 1.99
C THR A 286 2.96 16.40 3.37
N ASN A 287 3.88 17.35 3.39
CA ASN A 287 4.39 17.89 4.65
C ASN A 287 4.75 16.81 5.68
N ALA A 288 5.55 15.82 5.27
CA ALA A 288 5.87 14.69 6.15
C ALA A 288 7.34 14.38 5.97
N THR A 289 8.08 14.49 7.07
CA THR A 289 9.49 14.18 7.03
C THR A 289 9.71 12.78 6.50
N GLY A 290 10.62 12.59 5.55
CA GLY A 290 11.00 11.25 5.11
C GLY A 290 10.09 10.67 4.01
N PHE A 291 9.12 11.45 3.54
CA PHE A 291 8.06 10.90 2.69
C PHE A 291 7.65 11.92 1.62
N TRP A 292 7.90 11.65 0.32
CA TRP A 292 7.54 12.60 -0.73
C TRP A 292 6.63 11.94 -1.78
N ALA A 293 5.52 12.59 -2.14
CA ALA A 293 4.63 12.05 -3.16
C ALA A 293 5.36 12.03 -4.48
N TYR A 294 4.98 11.14 -5.40
CA TYR A 294 5.67 11.18 -6.69
C TYR A 294 5.65 12.58 -7.31
N TYR A 295 4.53 13.32 -7.20
CA TYR A 295 4.51 14.61 -7.88
C TYR A 295 5.41 15.65 -7.20
N GLU A 296 5.73 15.44 -5.92
CA GLU A 296 6.68 16.31 -5.22
C GLU A 296 8.09 15.99 -5.68
N ILE A 297 8.30 14.77 -6.17
CA ILE A 297 9.66 14.39 -6.59
C ILE A 297 9.92 14.87 -8.02
N CYS A 298 9.00 14.57 -8.93
CA CYS A 298 9.23 14.94 -10.33
C CYS A 298 9.26 16.44 -10.52
N THR A 299 8.50 17.19 -9.73
CA THR A 299 8.58 18.65 -9.87
C THR A 299 9.92 19.19 -9.40
N GLU A 300 10.66 18.45 -8.60
CA GLU A 300 11.97 18.95 -8.15
C GLU A 300 13.08 18.36 -9.00
N VAL A 301 12.99 17.05 -9.26
CA VAL A 301 14.07 16.32 -9.92
C VAL A 301 14.06 16.48 -11.46
N ASP A 302 12.89 16.55 -12.08
CA ASP A 302 12.84 16.47 -13.53
C ASP A 302 12.80 17.82 -14.27
N THR A 303 12.80 18.93 -13.55
CA THR A 303 12.70 20.23 -14.22
C THR A 303 13.96 20.52 -15.01
N ALA A 304 13.87 21.40 -16.01
CA ALA A 304 15.01 21.66 -16.88
C ALA A 304 16.23 22.13 -16.11
N ASP A 305 16.00 22.93 -15.07
CA ASP A 305 17.16 23.52 -14.38
C ASP A 305 17.42 22.88 -13.03
N SER A 306 16.93 21.66 -12.86
CA SER A 306 17.06 20.99 -11.57
C SER A 306 18.53 20.90 -11.15
N LYS A 307 18.80 21.11 -9.88
CA LYS A 307 20.14 20.87 -9.35
C LYS A 307 20.26 19.49 -8.68
N TRP A 308 19.20 18.69 -8.80
CA TRP A 308 19.22 17.32 -8.29
C TRP A 308 20.06 16.46 -9.23
N THR A 309 20.80 15.52 -8.67
CA THR A 309 21.46 14.48 -9.47
C THR A 309 20.67 13.19 -9.39
N LYS A 310 20.27 12.64 -10.54
CA LYS A 310 19.45 11.43 -10.54
C LYS A 310 20.31 10.24 -10.95
N LYS A 311 20.18 9.16 -10.22
CA LYS A 311 20.93 7.94 -10.49
C LYS A 311 19.98 6.76 -10.63
N TRP A 312 20.55 5.60 -10.91
CA TRP A 312 19.76 4.40 -11.12
C TRP A 312 20.40 3.23 -10.37
N ASP A 313 19.58 2.54 -9.59
CA ASP A 313 20.02 1.34 -8.87
C ASP A 313 19.96 0.21 -9.89
N GLU A 314 21.11 -0.21 -10.40
CA GLU A 314 21.12 -1.19 -11.48
C GLU A 314 20.62 -2.58 -11.07
N HIS A 315 20.64 -2.91 -9.78
CA HIS A 315 20.13 -4.21 -9.36
C HIS A 315 18.69 -4.12 -8.92
N GLY A 316 18.38 -3.11 -8.10
CA GLY A 316 17.04 -2.94 -7.59
C GLY A 316 16.10 -2.34 -8.63
N LYS A 317 16.68 -1.79 -9.69
CA LYS A 317 15.87 -1.20 -10.79
C LYS A 317 14.92 -0.08 -10.31
N CYS A 318 15.45 0.85 -9.54
CA CYS A 318 14.72 2.02 -9.03
C CYS A 318 15.59 3.24 -9.22
N PRO A 319 14.95 4.39 -9.39
CA PRO A 319 15.70 5.65 -9.38
C PRO A 319 15.95 6.14 -7.96
N TYR A 320 17.02 6.90 -7.81
CA TYR A 320 17.20 7.73 -6.64
C TYR A 320 17.80 9.05 -7.11
N ALA A 321 17.70 10.07 -6.27
CA ALA A 321 18.16 11.40 -6.68
C ALA A 321 18.62 12.11 -5.41
N TYR A 322 19.57 13.02 -5.53
CA TYR A 322 20.02 13.74 -4.36
C TYR A 322 20.45 15.14 -4.67
N LYS A 323 20.43 15.96 -3.64
CA LYS A 323 20.92 17.33 -3.73
C LYS A 323 21.31 17.81 -2.33
N GLY A 324 22.55 18.27 -2.16
CA GLY A 324 23.01 18.73 -0.86
C GLY A 324 22.93 17.61 0.15
N THR A 325 22.20 17.80 1.23
CA THR A 325 22.08 16.75 2.23
C THR A 325 20.88 15.82 1.97
N GLN A 326 20.10 16.10 0.92
CA GLN A 326 18.81 15.42 0.71
C GLN A 326 18.93 14.28 -0.29
N TRP A 327 18.30 13.14 -0.01
CA TRP A 327 18.45 11.95 -0.88
C TRP A 327 17.10 11.25 -0.88
N VAL A 328 16.62 10.84 -2.06
CA VAL A 328 15.29 10.19 -2.11
C VAL A 328 15.32 9.00 -3.08
N GLY A 329 14.71 7.89 -2.69
CA GLY A 329 14.56 6.73 -3.56
C GLY A 329 13.09 6.53 -3.84
N TYR A 330 12.74 6.17 -5.06
CA TYR A 330 11.32 6.19 -5.42
C TYR A 330 11.08 5.30 -6.65
N GLU A 331 9.94 5.49 -7.29
CA GLU A 331 9.63 4.79 -8.53
C GLU A 331 9.38 5.83 -9.59
N ASP A 332 9.87 5.56 -10.81
CA ASP A 332 9.57 6.48 -11.89
C ASP A 332 9.00 5.67 -13.06
N PRO A 333 8.67 6.32 -14.20
CA PRO A 333 8.09 5.46 -15.25
C PRO A 333 8.99 4.31 -15.68
N ARG A 334 10.30 4.51 -15.74
CA ARG A 334 11.17 3.38 -16.12
C ARG A 334 11.04 2.19 -15.12
N SER A 335 11.08 2.48 -13.82
CA SER A 335 11.09 1.41 -12.84
C SER A 335 9.71 0.73 -12.76
N VAL A 336 8.65 1.50 -12.88
CA VAL A 336 7.31 0.95 -12.84
C VAL A 336 7.08 0.06 -14.05
N GLU A 337 7.53 0.50 -15.21
CA GLU A 337 7.40 -0.39 -16.39
C GLU A 337 8.16 -1.73 -16.21
N ILE A 338 9.35 -1.67 -15.61
CA ILE A 338 10.12 -2.90 -15.31
C ILE A 338 9.29 -3.81 -14.41
N LYS A 339 8.69 -3.22 -13.39
CA LYS A 339 7.86 -4.03 -12.50
C LYS A 339 6.62 -4.57 -13.19
N MET A 340 5.99 -3.79 -14.07
CA MET A 340 4.81 -4.34 -14.81
C MET A 340 5.22 -5.55 -15.65
N ASN A 341 6.33 -5.44 -16.39
CA ASN A 341 6.78 -6.59 -17.17
C ASN A 341 7.11 -7.81 -16.30
N TRP A 342 7.65 -7.55 -15.13
CA TRP A 342 8.04 -8.62 -14.25
C TRP A 342 6.76 -9.28 -13.65
N ILE A 343 5.74 -8.49 -13.34
CA ILE A 343 4.50 -9.05 -12.85
C ILE A 343 3.92 -10.07 -13.84
N LYS A 344 3.94 -9.68 -15.12
CA LYS A 344 3.41 -10.53 -16.19
C LYS A 344 4.30 -11.76 -16.35
N GLU A 345 5.61 -11.56 -16.31
CA GLU A 345 6.52 -12.71 -16.37
C GLU A 345 6.24 -13.75 -15.25
N LYS A 346 5.95 -13.28 -14.04
CA LYS A 346 5.69 -14.18 -12.91
C LYS A 346 4.27 -14.76 -12.88
N GLY A 347 3.32 -14.12 -13.58
CA GLY A 347 1.95 -14.61 -13.61
C GLY A 347 1.09 -14.15 -12.42
N TYR A 348 1.49 -13.07 -11.75
CA TYR A 348 0.74 -12.61 -10.56
C TYR A 348 -0.60 -11.99 -10.98
N LEU A 349 -1.51 -11.85 -10.03
CA LEU A 349 -2.87 -11.42 -10.29
C LEU A 349 -2.95 -9.95 -10.77
N GLY A 350 -2.01 -9.12 -10.33
CA GLY A 350 -1.97 -7.77 -10.88
C GLY A 350 -1.09 -6.82 -10.08
N ALA A 351 -1.39 -5.53 -10.18
CA ALA A 351 -0.61 -4.47 -9.59
C ALA A 351 -1.51 -3.65 -8.66
N MET A 352 -0.89 -3.07 -7.64
CA MET A 352 -1.60 -2.24 -6.65
C MET A 352 -0.78 -0.96 -6.46
N THR A 353 -1.43 0.14 -6.08
CA THR A 353 -0.65 1.34 -5.77
C THR A 353 -1.02 1.91 -4.42
N TRP A 354 0.01 2.30 -3.67
CA TRP A 354 -0.15 3.22 -2.53
C TRP A 354 0.50 4.54 -3.01
N ALA A 355 -0.26 5.58 -3.36
CA ALA A 355 -1.72 5.58 -3.44
C ALA A 355 -2.07 6.48 -4.63
N ILE A 356 -3.30 6.38 -5.12
CA ILE A 356 -3.63 6.97 -6.40
C ILE A 356 -3.55 8.51 -6.29
N ASP A 357 -3.77 9.05 -5.07
CA ASP A 357 -3.69 10.51 -4.83
C ASP A 357 -2.28 11.13 -4.88
N MET A 358 -1.24 10.31 -5.13
CA MET A 358 0.14 10.81 -5.18
C MET A 358 0.76 10.64 -6.57
N ASP A 359 -0.01 10.10 -7.50
CA ASP A 359 0.40 10.11 -8.91
C ASP A 359 0.48 11.59 -9.34
N ASP A 360 1.12 11.88 -10.48
CA ASP A 360 1.09 13.26 -11.00
C ASP A 360 -0.26 13.54 -11.68
N PHE A 361 -1.31 13.57 -10.87
CA PHE A 361 -2.67 13.68 -11.37
C PHE A 361 -2.97 15.05 -12.02
N GLN A 362 -2.22 16.08 -11.66
CA GLN A 362 -2.37 17.42 -12.27
C GLN A 362 -1.55 17.56 -13.56
N GLY A 363 -0.67 16.61 -13.85
CA GLY A 363 0.25 16.79 -14.99
C GLY A 363 1.24 17.94 -14.74
N LEU A 364 1.70 18.07 -13.50
CA LEU A 364 2.69 19.11 -13.18
C LEU A 364 4.01 18.87 -13.90
N CYS A 365 4.31 17.61 -14.22
CA CYS A 365 5.61 17.24 -14.78
C CYS A 365 5.53 16.74 -16.19
N GLY A 366 4.34 16.73 -16.75
CA GLY A 366 4.17 15.98 -17.99
C GLY A 366 2.75 15.45 -18.05
N GLU A 367 2.57 14.26 -18.61
CA GLU A 367 1.20 13.78 -18.80
C GLU A 367 0.56 13.46 -17.42
N LYS A 368 -0.71 13.77 -17.32
CA LYS A 368 -1.48 13.51 -16.08
C LYS A 368 -1.54 12.00 -15.79
N ASN A 369 -1.43 11.64 -14.51
CA ASN A 369 -1.69 10.25 -14.12
C ASN A 369 -0.73 9.30 -14.78
N ILE A 370 0.50 9.77 -14.98
CA ILE A 370 1.48 8.98 -15.73
C ILE A 370 1.71 7.57 -15.11
N LEU A 371 1.78 7.46 -13.79
CA LEU A 371 2.15 6.14 -13.23
C LEU A 371 0.98 5.17 -13.29
N ILE A 372 -0.23 5.63 -12.93
CA ILE A 372 -1.39 4.70 -13.01
C ILE A 372 -1.68 4.32 -14.45
N LYS A 373 -1.37 5.21 -15.40
CA LYS A 373 -1.57 4.83 -16.80
C LYS A 373 -0.68 3.64 -17.18
N LEU A 374 0.51 3.54 -16.57
CA LEU A 374 1.39 2.41 -16.86
C LEU A 374 0.80 1.14 -16.29
N LEU A 375 0.35 1.20 -15.03
CA LEU A 375 -0.31 0.01 -14.48
C LEU A 375 -1.49 -0.40 -15.37
N HIS A 376 -2.35 0.56 -15.71
CA HIS A 376 -3.51 0.22 -16.52
C HIS A 376 -3.09 -0.34 -17.92
N LYS A 377 -2.12 0.29 -18.56
CA LYS A 377 -1.69 -0.14 -19.89
C LYS A 377 -1.24 -1.60 -19.86
N HIS A 378 -0.42 -1.95 -18.89
CA HIS A 378 0.13 -3.33 -18.86
C HIS A 378 -0.88 -4.36 -18.41
N MET A 379 -1.61 -4.05 -17.34
CA MET A 379 -2.51 -5.03 -16.75
C MET A 379 -3.74 -5.25 -17.63
N SER A 380 -4.21 -4.21 -18.28
CA SER A 380 -5.45 -4.39 -19.05
C SER A 380 -5.20 -5.29 -20.28
N ALA A 381 -3.96 -5.37 -20.76
CA ALA A 381 -3.66 -6.22 -21.93
C ALA A 381 -3.13 -7.60 -21.53
N TYR A 382 -3.21 -7.95 -20.25
CA TYR A 382 -2.54 -9.14 -19.73
C TYR A 382 -3.55 -10.12 -19.19
N THR A 383 -3.37 -11.40 -19.50
CA THR A 383 -4.26 -12.44 -19.00
C THR A 383 -3.51 -13.19 -17.92
N VAL A 384 -4.10 -13.32 -16.73
CA VAL A 384 -3.43 -13.95 -15.61
C VAL A 384 -3.43 -15.46 -15.87
N PRO A 385 -2.25 -16.12 -15.80
CA PRO A 385 -2.33 -17.57 -16.13
C PRO A 385 -2.82 -18.42 -14.95
N PRO A 386 -3.16 -19.71 -15.19
CA PRO A 386 -3.51 -20.60 -14.07
C PRO A 386 -2.38 -20.69 -13.06
N PRO A 387 -2.70 -20.99 -11.78
CA PRO A 387 -1.68 -20.99 -10.71
C PRO A 387 -0.53 -21.90 -11.08
N ARG A 388 0.68 -21.49 -10.68
CA ARG A 388 1.90 -22.20 -11.06
C ARG A 388 2.20 -23.46 -10.22
#